data_5G0M
#
_entry.id   5G0M
#
_cell.length_a   150.740
_cell.length_b   44.810
_cell.length_c   83.270
_cell.angle_alpha   90.00
_cell.angle_beta   115.50
_cell.angle_gamma   90.00
#
_symmetry.space_group_name_H-M   'C 1 2 1'
#
loop_
_entity.id
_entity.type
_entity.pdbx_description
1 polymer BETA-GLUCURONIDASE
2 non-polymer 'PHOSPHATE ION'
3 non-polymer (1S,2R,3R,4S,6S)-6-[(8-azidooctanoyl)amino]-2,3,4-trihydroxycyclohexane-1-carboxylate
4 water water
#
_entity_poly.entity_id   1
_entity_poly.type   'polypeptide(L)'
_entity_poly.pdbx_seq_one_letter_code
;MAFARGGLAQTASQTTSSPVRVGLSVDASALGHTIPPDYTGLSYEQAQMANPNYFSGANTQLAGFLRTLGRQGVLRIGGN
TSEYTFWNRHAKPTAADEHLAAGPDKGHHAAAREVITPEAVNNLSEFLDKTGWKLIYGLNLGKGTPENAADEAAYVMETI
GADRLLAFQLGNEPDLFYRNGIRPASYDFAAYAGDWQRFFTAIRKRVPNAPFAGPDTAYNTKWLVPFADKFKHDVKFISS
HYYAEGPPTDPSMTIERLMKPNPRLLGETAGLKQVEADTGLPFRLTETNSCYQGGKQGVSDTFAAALWAGDLMYQQAAAG
STGINFHGGGYGWYTPVAGTPEDGFIARPEYYGMLLFAQAGAGQLLGAKLTDNSAAPLLTAYALRGTDGRTRIALFNKNL
DADVEVAISGVASPSGTVLRLEAPRADDTTDVTFGGAPVGASGSWSPLVQEYVPGHSGQFVLHMRKASGALLEFA
;
_entity_poly.pdbx_strand_id   A
#
# COMPACT_ATOMS: atom_id res chain seq x y z
N PRO A 19 -3.06 -32.68 8.76
CA PRO A 19 -2.23 -31.46 8.65
C PRO A 19 -0.76 -31.70 8.42
N VAL A 20 -0.10 -30.80 7.69
CA VAL A 20 1.36 -30.81 7.57
C VAL A 20 1.98 -30.23 8.84
N ARG A 21 2.76 -31.05 9.56
CA ARG A 21 3.38 -30.65 10.83
C ARG A 21 4.74 -29.95 10.61
N VAL A 22 4.81 -28.64 10.89
CA VAL A 22 6.00 -27.85 10.57
C VAL A 22 6.52 -27.27 11.87
N GLY A 23 7.79 -26.89 11.87
CA GLY A 23 8.40 -26.24 13.03
C GLY A 23 8.61 -24.76 12.70
N LEU A 24 8.33 -23.90 13.69
CA LEU A 24 8.67 -22.46 13.63
C LEU A 24 9.55 -22.10 14.83
N SER A 25 10.76 -21.60 14.56
CA SER A 25 11.75 -21.28 15.59
C SER A 25 11.97 -19.77 15.67
N VAL A 26 11.49 -19.13 16.76
CA VAL A 26 11.64 -17.67 16.91
C VAL A 26 13.00 -17.41 17.58
N ASP A 27 13.72 -16.39 17.10
CA ASP A 27 15.03 -15.99 17.67
C ASP A 27 15.02 -14.51 17.96
N ALA A 28 14.86 -14.17 19.24
CA ALA A 28 14.83 -12.77 19.73
C ALA A 28 16.15 -12.09 19.54
N SER A 29 17.18 -12.86 19.21
CA SER A 29 18.50 -12.26 18.93
C SER A 29 18.77 -11.98 17.47
N ALA A 30 17.97 -12.56 16.58
CA ALA A 30 18.17 -12.38 15.14
C ALA A 30 17.38 -11.12 14.71
N LEU A 31 17.96 -9.96 14.97
CA LEU A 31 17.23 -8.69 14.79
C LEU A 31 17.07 -8.35 13.31
N GLY A 32 15.86 -8.08 12.87
CA GLY A 32 15.69 -7.51 11.51
C GLY A 32 15.43 -6.02 11.61
N HIS A 33 14.74 -5.48 10.61
CA HIS A 33 14.32 -4.09 10.60
C HIS A 33 13.19 -3.73 11.55
N THR A 34 13.13 -2.44 11.85
CA THR A 34 12.10 -1.85 12.67
C THR A 34 11.01 -1.28 11.75
N ILE A 35 9.76 -1.68 11.99
CA ILE A 35 8.65 -1.20 11.21
C ILE A 35 8.25 0.21 11.72
N PRO A 36 8.23 1.21 10.84
CA PRO A 36 7.78 2.52 11.30
C PRO A 36 6.27 2.64 11.49
N PRO A 37 5.81 3.59 12.34
CA PRO A 37 4.43 3.71 12.62
C PRO A 37 3.59 4.23 11.46
N ASP A 38 4.22 4.84 10.45
CA ASP A 38 3.50 5.28 9.25
C ASP A 38 3.74 4.40 8.04
N TYR A 39 4.01 3.12 8.35
CA TYR A 39 4.29 2.13 7.30
C TYR A 39 3.06 1.88 6.40
N THR A 40 1.85 1.78 6.99
CA THR A 40 0.66 1.47 6.15
C THR A 40 0.24 2.67 5.27
N GLY A 41 -0.55 2.35 4.26
CA GLY A 41 -1.09 3.37 3.35
C GLY A 41 -1.92 2.90 2.18
N LEU A 42 -2.51 3.90 1.49
CA LEU A 42 -3.43 3.76 0.39
C LEU A 42 -3.03 4.69 -0.70
N SER A 43 -3.33 4.33 -1.95
CA SER A 43 -3.08 5.17 -3.10
C SER A 43 -4.37 5.30 -3.85
N TYR A 44 -4.66 6.52 -4.35
CA TYR A 44 -5.84 6.82 -5.10
C TYR A 44 -5.52 7.68 -6.34
N GLU A 45 -6.46 7.70 -7.26
CA GLU A 45 -6.35 8.47 -8.49
C GLU A 45 -6.56 9.97 -8.16
N GLN A 46 -5.72 10.79 -8.74
CA GLN A 46 -5.84 12.23 -8.58
C GLN A 46 -7.11 12.79 -9.11
N ALA A 47 -7.70 12.16 -10.13
CA ALA A 47 -9.01 12.52 -10.64
C ALA A 47 -10.07 12.63 -9.55
N GLN A 48 -9.89 11.85 -8.48
CA GLN A 48 -10.85 11.85 -7.40
C GLN A 48 -10.98 13.22 -6.71
N MET A 49 -9.90 14.00 -6.75
CA MET A 49 -9.84 15.36 -6.24
C MET A 49 -10.78 16.34 -6.95
N ALA A 50 -11.31 16.01 -8.15
CA ALA A 50 -12.36 16.77 -8.73
C ALA A 50 -13.64 16.89 -7.86
N ASN A 51 -13.88 15.89 -7.03
CA ASN A 51 -15.05 15.88 -6.13
C ASN A 51 -14.63 16.31 -4.70
N PRO A 52 -14.97 17.54 -4.32
CA PRO A 52 -14.50 17.97 -3.00
C PRO A 52 -15.15 17.30 -1.81
N ASN A 53 -16.23 16.57 -2.05
CA ASN A 53 -16.90 15.77 -1.00
C ASN A 53 -16.21 14.43 -0.66
N TYR A 54 -15.21 14.01 -1.47
CA TYR A 54 -14.59 12.71 -1.29
C TYR A 54 -13.49 12.74 -0.18
N PHE A 55 -12.39 13.45 -0.43
CA PHE A 55 -11.39 13.73 0.56
C PHE A 55 -11.80 15.02 1.30
N SER A 56 -12.73 14.86 2.25
CA SER A 56 -13.40 15.97 2.98
C SER A 56 -13.48 15.63 4.46
N GLY A 57 -13.47 16.65 5.30
CA GLY A 57 -13.77 16.43 6.74
C GLY A 57 -15.15 15.85 7.03
N ALA A 58 -16.06 16.06 6.12
CA ALA A 58 -17.41 15.54 6.21
C ALA A 58 -17.52 14.07 5.81
N ASN A 59 -16.48 13.55 5.15
CA ASN A 59 -16.43 12.12 4.85
C ASN A 59 -15.95 11.29 6.05
N THR A 60 -16.81 11.16 7.05
CA THR A 60 -16.44 10.50 8.28
C THR A 60 -16.34 8.99 8.09
N GLN A 61 -17.11 8.43 7.17
CA GLN A 61 -17.05 7.02 6.92
C GLN A 61 -15.67 6.61 6.42
N LEU A 62 -15.19 7.26 5.36
CA LEU A 62 -13.85 6.90 4.80
C LEU A 62 -12.75 7.17 5.80
N ALA A 63 -12.86 8.31 6.51
CA ALA A 63 -11.87 8.65 7.52
C ALA A 63 -11.72 7.49 8.55
N GLY A 64 -12.87 6.91 8.95
CA GLY A 64 -12.94 5.84 9.89
C GLY A 64 -12.26 4.55 9.38
N PHE A 65 -12.45 4.21 8.11
CA PHE A 65 -11.74 3.09 7.51
C PHE A 65 -10.21 3.33 7.53
N LEU A 66 -9.73 4.54 7.31
CA LEU A 66 -8.27 4.81 7.36
C LEU A 66 -7.72 4.71 8.80
N ARG A 67 -8.40 5.31 9.78
CA ARG A 67 -7.97 5.21 11.17
C ARG A 67 -7.81 3.75 11.59
N THR A 68 -8.71 2.88 11.13
CA THR A 68 -8.64 1.46 11.52
C THR A 68 -7.44 0.79 10.93
N LEU A 69 -7.06 1.17 9.75
CA LEU A 69 -5.84 0.68 9.12
C LEU A 69 -4.57 1.16 9.77
N GLY A 70 -4.60 2.33 10.38
CA GLY A 70 -3.51 2.69 11.32
C GLY A 70 -3.66 4.11 11.84
N ARG A 71 -3.18 4.35 13.06
CA ARG A 71 -3.17 5.73 13.61
C ARG A 71 -2.22 6.64 12.90
N GLN A 72 -1.20 6.10 12.29
CA GLN A 72 -0.39 6.82 11.29
C GLN A 72 -0.30 6.00 10.00
N GLY A 73 -0.18 6.70 8.91
CA GLY A 73 -0.02 6.06 7.61
C GLY A 73 0.12 7.17 6.60
N VAL A 74 0.04 6.82 5.34
CA VAL A 74 0.23 7.77 4.26
C VAL A 74 -0.83 7.59 3.18
N LEU A 75 -1.49 8.71 2.81
CA LEU A 75 -2.36 8.79 1.68
C LEU A 75 -1.59 9.27 0.49
N ARG A 76 -1.45 8.43 -0.56
CA ARG A 76 -0.83 8.87 -1.82
C ARG A 76 -1.92 9.17 -2.88
N ILE A 77 -1.85 10.33 -3.54
CA ILE A 77 -2.75 10.71 -4.61
C ILE A 77 -1.93 10.91 -5.88
N GLY A 78 -2.24 10.18 -6.95
CA GLY A 78 -1.49 10.30 -8.21
C GLY A 78 -2.09 9.43 -9.26
N GLY A 79 -1.31 8.46 -9.77
CA GLY A 79 -1.84 7.49 -10.71
C GLY A 79 -1.90 8.04 -12.14
N ASN A 80 -2.42 7.25 -13.08
CA ASN A 80 -2.47 7.68 -14.52
C ASN A 80 -3.27 8.97 -14.69
N THR A 81 -4.34 9.13 -13.91
CA THR A 81 -5.15 10.33 -13.94
C THR A 81 -4.42 11.60 -13.56
N SER A 82 -3.29 11.53 -12.87
CA SER A 82 -2.54 12.75 -12.52
C SER A 82 -2.00 13.47 -13.75
N GLU A 83 -1.91 12.78 -14.89
CA GLU A 83 -1.49 13.47 -16.12
C GLU A 83 -2.64 14.15 -16.83
N TYR A 84 -3.87 13.91 -16.38
CA TYR A 84 -5.06 14.41 -16.98
C TYR A 84 -5.83 15.36 -16.00
N THR A 85 -5.24 15.67 -14.85
CA THR A 85 -5.90 16.56 -13.86
C THR A 85 -5.18 17.89 -13.88
N PHE A 86 -5.96 18.97 -13.94
CA PHE A 86 -5.47 20.34 -14.13
C PHE A 86 -5.97 21.33 -13.04
N TRP A 87 -5.05 21.69 -12.17
CA TRP A 87 -5.27 22.74 -11.17
C TRP A 87 -5.69 24.11 -11.78
N ASN A 88 -6.66 24.75 -11.17
CA ASN A 88 -7.02 26.11 -11.55
C ASN A 88 -7.46 26.83 -10.31
N ARG A 89 -6.77 27.91 -9.98
CA ARG A 89 -7.03 28.70 -8.79
C ARG A 89 -8.43 29.37 -8.73
N HIS A 90 -9.07 29.57 -9.88
CA HIS A 90 -10.39 30.20 -9.90
C HIS A 90 -11.54 29.26 -10.05
N ALA A 91 -11.28 27.97 -10.26
CA ALA A 91 -12.35 27.04 -10.63
C ALA A 91 -13.25 26.70 -9.44
N LYS A 92 -14.51 26.35 -9.73
CA LYS A 92 -15.41 25.87 -8.70
C LYS A 92 -15.87 24.50 -9.18
N PRO A 93 -16.10 23.54 -8.24
CA PRO A 93 -16.52 22.23 -8.79
C PRO A 93 -17.92 22.31 -9.41
N THR A 94 -18.13 21.61 -10.52
CA THR A 94 -19.46 21.53 -11.16
C THR A 94 -20.37 20.51 -10.46
N ALA A 95 -21.63 20.46 -10.91
CA ALA A 95 -22.61 19.47 -10.44
C ALA A 95 -22.20 18.00 -10.69
N ALA A 96 -21.65 17.69 -11.86
CA ALA A 96 -21.12 16.31 -12.11
C ALA A 96 -19.95 15.98 -11.15
N ASP A 97 -18.98 16.90 -11.02
CA ASP A 97 -17.86 16.79 -10.07
C ASP A 97 -18.27 16.42 -8.63
N GLU A 98 -19.31 17.08 -8.12
CA GLU A 98 -19.84 16.78 -6.77
C GLU A 98 -20.29 15.31 -6.54
N HIS A 99 -20.40 14.51 -7.60
CA HIS A 99 -20.83 13.11 -7.50
C HIS A 99 -19.82 12.11 -8.12
N LEU A 100 -18.68 12.61 -8.57
CA LEU A 100 -17.61 11.75 -9.13
C LEU A 100 -16.99 10.79 -8.10
N ALA A 101 -16.91 9.52 -8.49
CA ALA A 101 -16.15 8.56 -7.69
C ALA A 101 -15.21 7.95 -8.70
N ALA A 102 -13.93 8.30 -8.58
CA ALA A 102 -12.93 7.85 -9.55
C ALA A 102 -12.24 6.59 -9.04
N GLY A 103 -12.59 5.47 -9.65
CA GLY A 103 -11.91 4.25 -9.48
C GLY A 103 -10.56 4.17 -10.16
N PRO A 104 -9.76 3.11 -9.87
CA PRO A 104 -8.43 2.99 -10.51
C PRO A 104 -8.56 3.04 -12.02
N ASP A 105 -7.61 3.69 -12.65
CA ASP A 105 -7.62 3.87 -14.08
C ASP A 105 -7.31 2.50 -14.71
N LYS A 106 -8.08 2.16 -15.73
CA LYS A 106 -7.96 0.85 -16.35
C LYS A 106 -6.94 0.80 -17.50
N GLY A 107 -6.29 1.91 -17.78
CA GLY A 107 -5.15 1.94 -18.72
C GLY A 107 -5.46 1.64 -20.19
N HIS A 108 -6.74 1.58 -20.58
CA HIS A 108 -7.12 1.22 -21.96
C HIS A 108 -7.14 2.45 -22.90
N HIS A 109 -7.21 3.66 -22.32
CA HIS A 109 -7.17 4.91 -23.11
C HIS A 109 -6.98 6.11 -22.22
N ALA A 110 -6.91 7.28 -22.83
CA ALA A 110 -6.82 8.56 -22.13
C ALA A 110 -7.99 8.72 -21.14
N ALA A 111 -7.68 9.14 -19.93
CA ALA A 111 -8.73 9.45 -18.97
C ALA A 111 -9.37 10.81 -19.38
N ALA A 112 -10.55 11.08 -18.82
CA ALA A 112 -11.23 12.36 -19.02
C ALA A 112 -10.45 13.49 -18.36
N ARG A 113 -10.47 14.66 -18.95
CA ARG A 113 -9.88 15.85 -18.30
C ARG A 113 -10.67 16.23 -17.00
N GLU A 114 -9.97 16.60 -15.94
CA GLU A 114 -10.63 16.98 -14.66
C GLU A 114 -9.93 18.22 -14.16
N VAL A 115 -10.63 19.03 -13.36
CA VAL A 115 -10.08 20.23 -12.77
C VAL A 115 -10.00 20.09 -11.24
N ILE A 116 -8.90 20.52 -10.64
CA ILE A 116 -8.79 20.60 -9.21
C ILE A 116 -8.92 22.07 -8.74
N THR A 117 -9.71 22.27 -7.69
CA THR A 117 -10.14 23.57 -7.14
C THR A 117 -9.51 23.83 -5.75
N PRO A 118 -9.36 25.11 -5.37
CA PRO A 118 -9.01 25.40 -4.02
C PRO A 118 -9.85 24.66 -3.00
N GLU A 119 -11.16 24.62 -3.24
CA GLU A 119 -12.09 23.97 -2.32
C GLU A 119 -11.68 22.50 -2.05
N ALA A 120 -11.35 21.78 -3.13
CA ALA A 120 -10.88 20.38 -2.95
C ALA A 120 -9.61 20.26 -2.14
N VAL A 121 -8.66 21.16 -2.35
CA VAL A 121 -7.46 21.17 -1.56
C VAL A 121 -7.77 21.49 -0.08
N ASN A 122 -8.58 22.51 0.15
CA ASN A 122 -8.97 22.87 1.57
C ASN A 122 -9.57 21.66 2.30
N ASN A 123 -10.44 20.95 1.58
CA ASN A 123 -11.18 19.79 2.09
C ASN A 123 -10.28 18.63 2.33
N LEU A 124 -9.23 18.47 1.51
CA LEU A 124 -8.21 17.45 1.73
C LEU A 124 -7.46 17.64 3.07
N SER A 125 -7.16 18.90 3.39
CA SER A 125 -6.38 19.22 4.56
C SER A 125 -7.27 18.80 5.76
N GLU A 126 -8.59 19.02 5.68
CA GLU A 126 -9.48 18.62 6.81
C GLU A 126 -9.61 17.08 6.93
N PHE A 127 -9.62 16.40 5.78
CA PHE A 127 -9.63 14.96 5.75
C PHE A 127 -8.36 14.42 6.42
N LEU A 128 -7.20 14.98 6.10
CA LEU A 128 -5.94 14.56 6.70
C LEU A 128 -5.92 14.80 8.21
N ASP A 129 -6.43 15.96 8.66
CA ASP A 129 -6.61 16.20 10.13
C ASP A 129 -7.50 15.16 10.84
N LYS A 130 -8.56 14.70 10.18
CA LYS A 130 -9.45 13.72 10.79
C LYS A 130 -8.78 12.36 10.86
N THR A 131 -7.90 12.04 9.93
CA THR A 131 -7.30 10.70 9.91
C THR A 131 -5.99 10.61 10.64
N GLY A 132 -5.25 11.70 10.77
CA GLY A 132 -3.86 11.58 11.25
C GLY A 132 -2.80 11.11 10.25
N TRP A 133 -3.14 10.94 8.98
CA TRP A 133 -2.26 10.43 7.93
C TRP A 133 -1.51 11.63 7.24
N LYS A 134 -0.41 11.29 6.60
CA LYS A 134 0.43 12.18 5.80
C LYS A 134 0.13 11.96 4.31
N LEU A 135 0.67 12.85 3.49
CA LEU A 135 0.27 12.99 2.10
C LEU A 135 1.46 12.95 1.13
N ILE A 136 1.32 12.09 0.12
CA ILE A 136 2.15 12.19 -1.08
C ILE A 136 1.22 12.67 -2.17
N TYR A 137 1.59 13.78 -2.85
CA TYR A 137 0.71 14.48 -3.78
C TYR A 137 1.34 14.59 -5.17
N GLY A 138 0.60 14.05 -6.17
CA GLY A 138 1.04 14.12 -7.56
C GLY A 138 0.90 15.49 -8.20
N LEU A 139 1.92 15.86 -9.00
CA LEU A 139 1.84 17.01 -9.89
C LEU A 139 1.88 16.57 -11.35
N ASN A 140 1.26 17.42 -12.20
CA ASN A 140 1.01 17.04 -13.60
C ASN A 140 2.17 17.41 -14.53
N LEU A 141 3.12 16.48 -14.62
CA LEU A 141 4.30 16.59 -15.47
C LEU A 141 4.04 16.04 -16.86
N GLY A 142 3.12 15.06 -16.95
CA GLY A 142 2.76 14.48 -18.25
C GLY A 142 2.28 15.52 -19.24
N LYS A 143 1.28 16.29 -18.85
CA LYS A 143 0.65 17.24 -19.76
C LYS A 143 0.59 18.69 -19.27
N GLY A 144 0.91 18.92 -18.01
CA GLY A 144 0.84 20.31 -17.49
C GLY A 144 2.09 21.14 -17.74
N THR A 145 2.07 22.34 -17.16
CA THR A 145 3.19 23.26 -17.18
C THR A 145 3.94 23.30 -15.84
N PRO A 146 5.24 23.64 -15.91
CA PRO A 146 5.98 23.85 -14.68
C PRO A 146 5.38 24.91 -13.81
N GLU A 147 4.85 25.99 -14.43
CA GLU A 147 4.34 27.11 -13.65
C GLU A 147 3.01 26.76 -12.97
N ASN A 148 2.16 26.03 -13.69
CA ASN A 148 0.95 25.57 -13.03
C ASN A 148 1.23 24.52 -11.93
N ALA A 149 2.21 23.64 -12.13
CA ALA A 149 2.66 22.76 -11.03
C ALA A 149 3.21 23.55 -9.80
N ALA A 150 4.00 24.61 -10.05
CA ALA A 150 4.49 25.43 -9.01
C ALA A 150 3.32 26.07 -8.20
N ASP A 151 2.30 26.48 -8.91
CA ASP A 151 1.15 27.20 -8.33
C ASP A 151 0.31 26.25 -7.44
N GLU A 152 0.11 25.02 -7.96
CA GLU A 152 -0.60 23.95 -7.28
C GLU A 152 0.17 23.53 -6.03
N ALA A 153 1.51 23.36 -6.16
CA ALA A 153 2.41 22.96 -5.07
C ALA A 153 2.39 24.02 -3.99
N ALA A 154 2.35 25.29 -4.40
CA ALA A 154 2.25 26.37 -3.43
C ALA A 154 0.94 26.37 -2.61
N TYR A 155 -0.20 26.22 -3.28
CA TYR A 155 -1.46 26.15 -2.61
C TYR A 155 -1.53 24.94 -1.64
N VAL A 156 -1.01 23.80 -2.11
CA VAL A 156 -0.97 22.58 -1.25
C VAL A 156 -0.10 22.78 -0.01
N MET A 157 1.08 23.37 -0.19
CA MET A 157 1.93 23.70 0.92
C MET A 157 1.30 24.73 1.85
N GLU A 158 0.63 25.76 1.30
CA GLU A 158 -0.08 26.79 2.13
C GLU A 158 -1.18 26.20 3.01
N THR A 159 -1.95 25.28 2.45
CA THR A 159 -3.13 24.71 3.06
C THR A 159 -2.84 23.47 3.92
N ILE A 160 -1.97 22.58 3.46
CA ILE A 160 -1.70 21.31 4.17
C ILE A 160 -0.58 21.39 5.18
N GLY A 161 0.45 22.15 4.84
CA GLY A 161 1.58 22.35 5.74
C GLY A 161 2.68 21.32 5.53
N ALA A 162 3.88 21.70 5.90
CA ALA A 162 5.09 20.89 5.77
C ALA A 162 5.09 19.65 6.68
N ASP A 163 4.43 19.71 7.82
CA ASP A 163 4.39 18.48 8.69
C ASP A 163 3.51 17.35 8.08
N ARG A 164 2.38 17.65 7.45
CA ARG A 164 1.54 16.58 6.83
C ARG A 164 1.91 16.28 5.39
N LEU A 165 2.60 17.21 4.71
CA LEU A 165 3.09 16.93 3.34
C LEU A 165 4.43 16.19 3.34
N LEU A 166 4.40 14.91 2.96
CA LEU A 166 5.60 14.09 2.91
C LEU A 166 6.41 14.30 1.64
N ALA A 167 5.73 14.39 0.50
CA ALA A 167 6.37 14.54 -0.82
C ALA A 167 5.40 14.89 -1.97
N PHE A 168 5.93 15.68 -2.90
CA PHE A 168 5.35 15.81 -4.23
C PHE A 168 5.98 14.80 -5.15
N GLN A 169 5.22 14.34 -6.16
CA GLN A 169 5.83 13.52 -7.22
C GLN A 169 5.56 14.13 -8.58
N LEU A 170 6.56 14.15 -9.43
CA LEU A 170 6.51 14.85 -10.72
C LEU A 170 6.32 13.80 -11.83
N GLY A 171 5.04 13.49 -12.07
CA GLY A 171 4.65 12.42 -12.97
C GLY A 171 4.52 11.04 -12.29
N ASN A 172 3.62 10.24 -12.83
CA ASN A 172 3.42 8.85 -12.47
C ASN A 172 3.87 7.94 -13.62
N GLU A 173 4.66 6.92 -13.32
CA GLU A 173 5.13 5.90 -14.33
C GLU A 173 5.58 6.57 -15.64
N PRO A 174 6.55 7.50 -15.52
CA PRO A 174 7.07 8.20 -16.72
C PRO A 174 7.64 7.23 -17.74
N ASP A 175 8.16 6.09 -17.27
CA ASP A 175 8.60 4.99 -18.19
C ASP A 175 7.48 4.38 -19.09
N LEU A 176 6.22 4.67 -18.77
CA LEU A 176 5.10 4.24 -19.57
C LEU A 176 4.40 5.38 -20.28
N PHE A 177 4.96 6.59 -20.28
CA PHE A 177 4.32 7.71 -20.96
C PHE A 177 4.08 7.42 -22.43
N TYR A 178 5.11 6.94 -23.10
CA TYR A 178 4.97 6.45 -24.49
C TYR A 178 3.81 5.49 -24.68
N ARG A 179 3.91 4.29 -24.11
CA ARG A 179 2.85 3.28 -24.28
C ARG A 179 1.47 3.95 -24.25
N ASN A 180 1.29 4.95 -23.40
CA ASN A 180 -0.06 5.48 -23.18
C ASN A 180 -0.42 6.83 -23.85
N GLY A 181 0.42 7.30 -24.79
CA GLY A 181 0.09 8.47 -25.62
C GLY A 181 0.52 9.81 -25.07
N ILE A 182 1.17 9.83 -23.91
CA ILE A 182 1.56 11.07 -23.19
C ILE A 182 2.83 11.70 -23.74
N ARG A 183 3.73 10.87 -24.24
CA ARG A 183 4.94 11.33 -24.86
C ARG A 183 5.21 10.47 -26.12
N PRO A 184 6.16 10.88 -26.97
CA PRO A 184 6.57 10.05 -28.13
C PRO A 184 7.28 8.78 -27.70
N ALA A 185 7.37 7.82 -28.65
CA ALA A 185 8.17 6.59 -28.48
C ALA A 185 9.58 6.86 -28.03
N SER A 186 10.17 7.95 -28.49
CA SER A 186 11.57 8.19 -28.19
C SER A 186 11.85 8.66 -26.73
N TYR A 187 10.81 8.92 -25.95
CA TYR A 187 11.01 9.45 -24.59
C TYR A 187 11.78 8.47 -23.75
N ASP A 188 12.85 8.93 -23.13
CA ASP A 188 13.70 8.09 -22.38
C ASP A 188 14.08 8.79 -21.08
N PHE A 189 14.97 8.18 -20.29
CA PHE A 189 15.32 8.74 -19.00
C PHE A 189 15.96 10.11 -19.14
N ALA A 190 16.94 10.25 -20.03
CA ALA A 190 17.51 11.59 -20.34
C ALA A 190 16.45 12.68 -20.56
N ALA A 191 15.44 12.37 -21.34
CA ALA A 191 14.40 13.35 -21.62
C ALA A 191 13.59 13.64 -20.31
N TYR A 192 13.28 12.56 -19.61
CA TYR A 192 12.55 12.67 -18.35
C TYR A 192 13.30 13.51 -17.35
N ALA A 193 14.60 13.29 -17.27
CA ALA A 193 15.43 14.07 -16.30
C ALA A 193 15.39 15.57 -16.62
N GLY A 194 15.35 15.92 -17.92
CA GLY A 194 15.14 17.35 -18.31
C GLY A 194 13.83 17.96 -17.86
N ASP A 195 12.74 17.18 -18.05
CA ASP A 195 11.47 17.57 -17.59
C ASP A 195 11.48 17.73 -16.12
N TRP A 196 12.05 16.75 -15.41
CA TRP A 196 12.00 16.71 -13.93
C TRP A 196 12.69 17.95 -13.32
N GLN A 197 13.87 18.23 -13.85
CA GLN A 197 14.60 19.44 -13.54
C GLN A 197 13.84 20.73 -13.81
N ARG A 198 13.14 20.88 -14.95
CA ARG A 198 12.38 22.11 -15.25
C ARG A 198 11.23 22.31 -14.22
N PHE A 199 10.59 21.21 -13.90
CA PHE A 199 9.49 21.26 -12.93
C PHE A 199 10.00 21.54 -11.49
N PHE A 200 11.07 20.84 -11.09
CA PHE A 200 11.71 20.98 -9.75
C PHE A 200 12.07 22.47 -9.56
N THR A 201 12.66 23.03 -10.62
CA THR A 201 13.22 24.42 -10.55
C THR A 201 12.10 25.42 -10.35
N ALA A 202 11.01 25.29 -11.13
CA ALA A 202 9.83 26.18 -11.02
C ALA A 202 9.11 26.07 -9.70
N ILE A 203 8.95 24.82 -9.27
CA ILE A 203 8.30 24.57 -7.98
C ILE A 203 9.07 25.16 -6.82
N ARG A 204 10.39 24.96 -6.79
CA ARG A 204 11.26 25.48 -5.70
C ARG A 204 11.33 26.97 -5.59
N LYS A 205 11.11 27.67 -6.69
CA LYS A 205 10.93 29.13 -6.67
C LYS A 205 9.71 29.58 -5.88
N ARG A 206 8.59 28.86 -6.00
CA ARG A 206 7.38 29.17 -5.30
C ARG A 206 7.33 28.58 -3.89
N VAL A 207 8.05 27.47 -3.69
CA VAL A 207 8.01 26.69 -2.46
C VAL A 207 9.43 26.23 -2.13
N PRO A 208 10.20 27.07 -1.37
CA PRO A 208 11.60 26.70 -1.29
C PRO A 208 11.91 25.44 -0.50
N ASN A 209 10.96 24.99 0.30
CA ASN A 209 11.08 23.86 1.18
C ASN A 209 10.29 22.65 0.57
N ALA A 210 9.91 22.73 -0.72
CA ALA A 210 9.11 21.61 -1.31
C ALA A 210 9.91 20.30 -1.20
N PRO A 211 9.31 19.25 -0.62
CA PRO A 211 9.96 17.91 -0.63
C PRO A 211 9.48 17.08 -1.85
N PHE A 212 10.36 16.23 -2.37
CA PHE A 212 10.07 15.41 -3.51
C PHE A 212 10.40 13.92 -3.28
N ALA A 213 9.71 13.05 -4.05
CA ALA A 213 10.03 11.66 -4.15
C ALA A 213 9.89 11.29 -5.59
N GLY A 214 10.61 10.25 -5.99
CA GLY A 214 10.54 9.78 -7.39
C GLY A 214 11.29 8.47 -7.56
N PRO A 215 11.23 7.87 -8.73
CA PRO A 215 10.62 8.37 -9.94
C PRO A 215 9.19 7.84 -10.14
N ASP A 216 8.66 7.11 -9.15
CA ASP A 216 7.23 6.73 -9.14
C ASP A 216 6.98 5.70 -10.27
N THR A 217 7.87 4.71 -10.29
CA THR A 217 7.58 3.49 -11.09
C THR A 217 8.28 2.24 -10.55
N ALA A 218 8.17 1.12 -11.27
CA ALA A 218 8.84 -0.13 -10.85
C ALA A 218 10.38 -0.03 -10.95
N TYR A 219 11.12 -0.76 -10.08
CA TYR A 219 12.58 -0.81 -10.12
C TYR A 219 13.03 -1.30 -11.49
N ASN A 220 13.91 -0.54 -12.13
CA ASN A 220 14.48 -0.96 -13.36
C ASN A 220 15.74 -0.22 -13.52
N THR A 221 16.49 -0.63 -14.49
CA THR A 221 17.82 -0.08 -14.65
C THR A 221 17.80 1.10 -15.58
N LYS A 222 16.89 1.18 -16.51
CA LYS A 222 16.92 2.36 -17.42
C LYS A 222 16.39 3.64 -16.81
N TRP A 223 15.51 3.57 -15.80
CA TRP A 223 14.88 4.74 -15.19
C TRP A 223 15.17 4.94 -13.72
N LEU A 224 14.84 3.95 -12.92
CA LEU A 224 15.01 4.08 -11.45
C LEU A 224 16.48 4.26 -10.96
N VAL A 225 17.38 3.45 -11.49
CA VAL A 225 18.81 3.52 -11.07
C VAL A 225 19.46 4.89 -11.44
N PRO A 226 19.33 5.32 -12.73
CA PRO A 226 19.89 6.67 -13.05
C PRO A 226 19.17 7.84 -12.35
N PHE A 227 17.87 7.71 -12.07
CA PHE A 227 17.11 8.75 -11.33
C PHE A 227 17.76 9.00 -10.02
N ALA A 228 18.02 7.92 -9.29
CA ALA A 228 18.56 8.05 -7.93
C ALA A 228 19.97 8.66 -7.94
N ASP A 229 20.82 8.20 -8.86
CA ASP A 229 22.16 8.84 -9.01
C ASP A 229 22.12 10.33 -9.28
N LYS A 230 21.30 10.75 -10.24
CA LYS A 230 21.23 12.15 -10.64
C LYS A 230 20.53 13.05 -9.62
N PHE A 231 19.46 12.56 -8.96
CA PHE A 231 18.59 13.44 -8.17
C PHE A 231 18.63 13.17 -6.67
N LYS A 232 19.60 12.40 -6.20
CA LYS A 232 19.71 12.03 -4.75
C LYS A 232 19.75 13.18 -3.74
N HIS A 233 20.36 14.31 -4.09
CA HIS A 233 20.25 15.50 -3.20
C HIS A 233 18.96 16.32 -3.29
N ASP A 234 18.05 15.96 -4.21
CA ASP A 234 16.81 16.69 -4.47
C ASP A 234 15.55 15.98 -4.04
N VAL A 235 15.69 14.74 -3.61
CA VAL A 235 14.53 13.95 -3.12
C VAL A 235 14.81 13.44 -1.69
N LYS A 236 13.73 13.15 -0.99
CA LYS A 236 13.76 12.58 0.35
C LYS A 236 13.83 11.06 0.34
N PHE A 237 13.18 10.43 -0.63
CA PHE A 237 13.12 8.97 -0.77
C PHE A 237 12.79 8.53 -2.16
N ILE A 238 13.12 7.28 -2.43
CA ILE A 238 12.81 6.67 -3.69
C ILE A 238 11.37 6.05 -3.61
N SER A 239 10.59 6.27 -4.65
CA SER A 239 9.22 5.80 -4.78
C SER A 239 9.12 4.78 -5.93
N SER A 240 8.73 3.55 -5.60
CA SER A 240 8.66 2.44 -6.57
C SER A 240 7.22 1.84 -6.59
N HIS A 241 6.84 1.19 -7.70
CA HIS A 241 5.54 0.52 -7.89
C HIS A 241 5.75 -1.02 -8.06
N TYR A 242 4.75 -1.79 -7.71
CA TYR A 242 4.80 -3.27 -7.81
C TYR A 242 3.38 -3.84 -7.95
N TYR A 243 3.16 -4.59 -9.03
CA TYR A 243 1.94 -5.43 -9.22
C TYR A 243 2.37 -6.89 -9.34
N ALA A 244 1.61 -7.77 -8.68
CA ALA A 244 1.99 -9.21 -8.69
C ALA A 244 1.85 -9.77 -10.09
N GLU A 245 0.83 -9.33 -10.82
CA GLU A 245 0.72 -9.65 -12.23
C GLU A 245 1.94 -9.13 -13.04
N GLY A 246 2.55 -10.03 -13.80
CA GLY A 246 3.63 -9.65 -14.68
C GLY A 246 3.10 -9.12 -16.03
N PRO A 247 3.97 -9.11 -17.09
CA PRO A 247 3.57 -8.53 -18.40
C PRO A 247 2.34 -9.17 -19.02
N PRO A 248 1.69 -8.42 -19.95
CA PRO A 248 0.48 -8.90 -20.63
C PRO A 248 0.68 -10.30 -21.28
N THR A 249 1.91 -10.62 -21.64
CA THR A 249 2.26 -11.91 -22.26
C THR A 249 2.32 -13.14 -21.35
N ASP A 250 2.25 -12.95 -20.02
CA ASP A 250 2.36 -14.08 -19.06
C ASP A 250 1.02 -14.82 -18.99
N PRO A 251 1.05 -16.07 -18.41
CA PRO A 251 -0.27 -16.71 -18.19
C PRO A 251 -1.00 -15.79 -17.25
N SER A 252 -2.29 -15.59 -17.46
CA SER A 252 -3.01 -14.64 -16.61
C SER A 252 -3.08 -15.11 -15.15
N MET A 253 -3.25 -14.11 -14.30
CA MET A 253 -3.12 -14.30 -12.87
C MET A 253 -4.24 -15.17 -12.37
N THR A 254 -3.88 -16.09 -11.50
CA THR A 254 -4.83 -16.96 -10.88
C THR A 254 -4.61 -16.77 -9.41
N ILE A 255 -5.56 -17.21 -8.61
CA ILE A 255 -5.31 -17.32 -7.18
C ILE A 255 -4.10 -18.16 -6.87
N GLU A 256 -3.92 -19.29 -7.60
CA GLU A 256 -2.82 -20.17 -7.31
C GLU A 256 -1.49 -19.45 -7.42
N ARG A 257 -1.38 -18.67 -8.48
CA ARG A 257 -0.13 -17.97 -8.81
C ARG A 257 0.17 -16.87 -7.80
N LEU A 258 -0.88 -16.17 -7.41
CA LEU A 258 -0.81 -15.08 -6.43
C LEU A 258 -0.27 -15.52 -5.10
N MET A 259 -0.52 -16.77 -4.69
CA MET A 259 -0.01 -17.28 -3.43
C MET A 259 1.46 -17.68 -3.44
N LYS A 260 2.06 -17.80 -4.63
CA LYS A 260 3.44 -18.26 -4.75
C LYS A 260 4.49 -17.14 -4.69
N PRO A 261 5.74 -17.47 -4.36
CA PRO A 261 6.75 -16.35 -4.44
C PRO A 261 6.87 -15.74 -5.86
N ASN A 262 7.19 -14.46 -5.96
CA ASN A 262 7.30 -13.78 -7.23
C ASN A 262 8.79 -13.41 -7.31
N PRO A 263 9.56 -14.12 -8.16
CA PRO A 263 11.01 -13.75 -8.22
C PRO A 263 11.27 -12.33 -8.70
N ARG A 264 10.39 -11.81 -9.55
CA ARG A 264 10.50 -10.40 -9.91
C ARG A 264 10.48 -9.46 -8.68
N LEU A 265 9.63 -9.75 -7.72
CA LEU A 265 9.52 -8.94 -6.52
C LEU A 265 10.80 -8.92 -5.71
N LEU A 266 11.33 -10.12 -5.49
CA LEU A 266 12.57 -10.30 -4.74
C LEU A 266 13.76 -9.55 -5.40
N GLY A 267 13.83 -9.63 -6.73
CA GLY A 267 14.82 -8.94 -7.50
C GLY A 267 14.65 -7.42 -7.43
N GLU A 268 13.43 -6.95 -7.61
CA GLU A 268 13.18 -5.47 -7.58
C GLU A 268 13.42 -4.85 -6.21
N THR A 269 13.06 -5.60 -5.17
CA THR A 269 13.39 -5.26 -3.79
C THR A 269 14.91 -5.17 -3.51
N ALA A 270 15.66 -6.17 -3.95
CA ALA A 270 17.13 -6.09 -3.87
C ALA A 270 17.71 -4.90 -4.58
N GLY A 271 17.22 -4.63 -5.75
CA GLY A 271 17.60 -3.48 -6.54
C GLY A 271 17.40 -2.20 -5.72
N LEU A 272 16.22 -2.10 -5.06
CA LEU A 272 15.91 -0.92 -4.19
C LEU A 272 16.85 -0.80 -2.99
N LYS A 273 17.25 -1.94 -2.42
CA LYS A 273 18.20 -1.94 -1.31
C LYS A 273 19.61 -1.46 -1.77
N GLN A 274 19.99 -1.86 -2.97
CA GLN A 274 21.28 -1.46 -3.52
C GLN A 274 21.29 0.05 -3.78
N VAL A 275 20.19 0.56 -4.27
CA VAL A 275 20.04 2.02 -4.41
C VAL A 275 20.26 2.70 -3.09
N GLU A 276 19.58 2.21 -2.07
CA GLU A 276 19.77 2.73 -0.71
C GLU A 276 21.22 2.73 -0.24
N ALA A 277 21.94 1.65 -0.51
CA ALA A 277 23.33 1.52 -0.11
C ALA A 277 24.16 2.59 -0.80
N ASP A 278 23.91 2.76 -2.10
CA ASP A 278 24.67 3.67 -2.98
C ASP A 278 24.42 5.15 -2.77
N THR A 279 23.19 5.52 -2.40
CA THR A 279 22.78 6.96 -2.38
C THR A 279 22.37 7.40 -1.02
N GLY A 280 22.24 6.47 -0.09
CA GLY A 280 21.55 6.81 1.19
C GLY A 280 20.01 6.95 1.17
N LEU A 281 19.37 6.75 0.03
CA LEU A 281 17.95 7.05 -0.08
C LEU A 281 17.10 5.81 0.36
N PRO A 282 16.17 6.01 1.32
CA PRO A 282 15.19 4.94 1.60
C PRO A 282 14.17 4.79 0.49
N PHE A 283 13.42 3.71 0.54
CA PHE A 283 12.42 3.44 -0.51
C PHE A 283 11.04 3.16 0.12
N ARG A 284 9.98 3.58 -0.56
CA ARG A 284 8.59 3.31 -0.22
C ARG A 284 7.88 2.81 -1.48
N LEU A 285 7.00 1.83 -1.32
CA LEU A 285 6.19 1.24 -2.41
C LEU A 285 4.86 2.02 -2.57
N THR A 286 4.91 3.07 -3.41
CA THR A 286 3.87 4.07 -3.48
C THR A 286 2.65 3.69 -4.31
N GLU A 287 2.67 2.56 -5.06
CA GLU A 287 1.48 2.10 -5.77
C GLU A 287 1.64 0.61 -5.95
N THR A 288 0.70 -0.16 -5.36
CA THR A 288 0.78 -1.61 -5.53
C THR A 288 -0.62 -2.18 -5.47
N ASN A 289 -0.85 -3.24 -6.26
CA ASN A 289 -1.92 -4.16 -5.96
C ASN A 289 -1.73 -5.49 -6.72
N SER A 290 -2.73 -6.34 -6.69
CA SER A 290 -2.55 -7.75 -7.20
C SER A 290 -2.44 -7.79 -8.72
N CYS A 291 -3.36 -7.14 -9.40
CA CYS A 291 -3.47 -7.23 -10.86
C CYS A 291 -3.67 -5.87 -11.37
N TYR A 292 -3.04 -5.53 -12.50
CA TYR A 292 -3.14 -4.14 -12.98
C TYR A 292 -4.41 -3.92 -13.77
N GLN A 293 -4.52 -2.74 -14.41
CA GLN A 293 -5.72 -2.30 -15.14
C GLN A 293 -7.05 -2.35 -14.35
N GLY A 294 -6.96 -1.96 -13.08
CA GLY A 294 -8.07 -2.00 -12.14
C GLY A 294 -8.28 -3.30 -11.39
N GLY A 295 -7.54 -4.34 -11.71
CA GLY A 295 -7.73 -5.65 -11.10
C GLY A 295 -8.43 -6.66 -11.98
N LYS A 296 -8.43 -7.92 -11.54
CA LYS A 296 -9.11 -9.01 -12.25
C LYS A 296 -10.21 -9.63 -11.36
N GLN A 297 -11.44 -9.62 -11.86
CA GLN A 297 -12.60 -10.21 -11.14
C GLN A 297 -12.33 -11.69 -10.91
N GLY A 298 -12.55 -12.16 -9.68
CA GLY A 298 -12.30 -13.53 -9.29
C GLY A 298 -10.93 -13.79 -8.69
N VAL A 299 -10.06 -12.77 -8.67
CA VAL A 299 -8.76 -12.81 -8.07
C VAL A 299 -8.59 -11.64 -7.10
N SER A 300 -8.64 -10.44 -7.64
CA SER A 300 -8.29 -9.24 -6.90
C SER A 300 -9.31 -8.93 -5.83
N ASP A 301 -10.58 -9.30 -6.11
CA ASP A 301 -11.71 -9.04 -5.23
C ASP A 301 -12.06 -10.18 -4.24
N THR A 302 -11.09 -11.05 -3.98
CA THR A 302 -11.31 -12.29 -3.19
C THR A 302 -10.54 -12.30 -1.90
N PHE A 303 -10.92 -13.24 -1.01
CA PHE A 303 -10.16 -13.46 0.21
C PHE A 303 -8.68 -13.75 -0.04
N ALA A 304 -8.36 -14.41 -1.17
CA ALA A 304 -6.99 -14.60 -1.48
C ALA A 304 -6.17 -13.28 -1.47
N ALA A 305 -6.76 -12.16 -1.85
CA ALA A 305 -6.04 -10.87 -1.87
C ALA A 305 -5.69 -10.42 -0.46
N ALA A 306 -6.54 -10.74 0.52
CA ALA A 306 -6.18 -10.48 1.94
C ALA A 306 -4.88 -11.18 2.38
N LEU A 307 -4.76 -12.48 2.07
CA LEU A 307 -3.59 -13.20 2.42
C LEU A 307 -2.37 -12.61 1.66
N TRP A 308 -2.53 -12.38 0.34
CA TRP A 308 -1.44 -11.78 -0.46
C TRP A 308 -1.00 -10.39 0.09
N ALA A 309 -1.95 -9.52 0.34
CA ALA A 309 -1.63 -8.18 0.84
C ALA A 309 -0.99 -8.17 2.19
N GLY A 310 -1.51 -8.95 3.16
CA GLY A 310 -0.94 -9.01 4.56
C GLY A 310 0.50 -9.50 4.47
N ASP A 311 0.69 -10.59 3.71
CA ASP A 311 2.03 -11.17 3.54
C ASP A 311 3.00 -10.16 2.93
N LEU A 312 2.55 -9.49 1.86
CA LEU A 312 3.36 -8.49 1.16
C LEU A 312 3.86 -7.40 2.08
N MET A 313 2.99 -6.94 2.98
CA MET A 313 3.34 -5.85 3.92
C MET A 313 4.54 -6.27 4.74
N TYR A 314 4.44 -7.49 5.24
CA TYR A 314 5.50 -8.05 6.06
C TYR A 314 6.76 -8.32 5.23
N GLN A 315 6.64 -8.91 4.03
CA GLN A 315 7.83 -9.23 3.26
C GLN A 315 8.66 -7.97 2.95
N GLN A 316 7.99 -6.91 2.54
CA GLN A 316 8.67 -5.63 2.25
C GLN A 316 9.20 -4.95 3.49
N ALA A 317 8.47 -5.00 4.60
CA ALA A 317 8.98 -4.50 5.87
C ALA A 317 10.28 -5.23 6.24
N ALA A 318 10.30 -6.57 6.15
CA ALA A 318 11.51 -7.31 6.47
C ALA A 318 12.67 -7.02 5.50
N ALA A 319 12.36 -6.56 4.28
CA ALA A 319 13.39 -6.13 3.36
C ALA A 319 13.92 -4.71 3.62
N GLY A 320 13.29 -3.97 4.53
CA GLY A 320 13.73 -2.63 4.91
C GLY A 320 12.95 -1.49 4.21
N SER A 321 11.78 -1.80 3.67
CA SER A 321 10.94 -0.78 3.08
C SER A 321 10.39 0.16 4.11
N THR A 322 10.22 1.45 3.75
CA THR A 322 9.64 2.42 4.73
C THR A 322 8.13 2.42 4.78
N GLY A 323 7.49 1.77 3.82
CA GLY A 323 6.06 1.76 3.76
C GLY A 323 5.46 1.31 2.44
N ILE A 324 4.14 1.32 2.45
CA ILE A 324 3.33 0.78 1.37
C ILE A 324 2.07 1.64 1.08
N ASN A 325 1.59 1.58 -0.16
CA ASN A 325 0.36 2.24 -0.55
C ASN A 325 -0.40 1.38 -1.58
N PHE A 326 -1.40 0.64 -1.08
CA PHE A 326 -2.29 -0.16 -1.95
C PHE A 326 -3.24 0.71 -2.77
N HIS A 327 -3.15 0.62 -4.08
CA HIS A 327 -4.00 1.40 -4.98
C HIS A 327 -5.46 0.93 -4.94
N GLY A 328 -6.37 1.87 -5.11
CA GLY A 328 -7.80 1.67 -5.05
C GLY A 328 -8.69 2.87 -5.38
N GLY A 329 -9.88 2.87 -4.81
CA GLY A 329 -10.93 3.76 -5.20
C GLY A 329 -12.12 3.14 -5.90
N GLY A 330 -13.19 3.95 -5.88
CA GLY A 330 -14.47 3.68 -6.55
C GLY A 330 -14.93 2.30 -6.03
N TYR A 331 -15.22 1.44 -6.98
CA TYR A 331 -15.59 0.06 -6.73
C TYR A 331 -14.67 -0.84 -7.49
N GLY A 332 -13.40 -0.43 -7.68
CA GLY A 332 -12.49 -1.24 -8.50
C GLY A 332 -12.25 -2.61 -7.88
N TRP A 333 -11.95 -3.58 -8.74
CA TRP A 333 -11.80 -4.93 -8.25
C TRP A 333 -10.84 -5.09 -7.11
N TYR A 334 -9.70 -4.36 -7.14
CA TYR A 334 -8.74 -4.50 -6.07
C TYR A 334 -8.81 -3.52 -4.92
N THR A 335 -9.75 -2.61 -4.90
CA THR A 335 -9.78 -1.55 -3.85
C THR A 335 -9.88 -2.14 -2.39
N PRO A 336 -9.04 -1.68 -1.45
CA PRO A 336 -9.23 -2.07 -0.08
C PRO A 336 -10.58 -1.60 0.45
N VAL A 337 -10.89 -0.32 0.19
CA VAL A 337 -12.19 0.27 0.56
C VAL A 337 -12.93 0.67 -0.66
N ALA A 338 -14.20 0.21 -0.72
CA ALA A 338 -15.15 0.58 -1.77
C ALA A 338 -16.28 1.51 -1.33
N GLY A 339 -16.76 2.28 -2.26
CA GLY A 339 -17.94 3.16 -2.03
C GLY A 339 -17.95 4.62 -2.47
N THR A 340 -18.89 5.40 -1.93
CA THR A 340 -19.06 6.84 -2.26
C THR A 340 -19.60 7.56 -1.08
N PRO A 341 -19.43 8.88 -1.05
CA PRO A 341 -20.10 9.58 0.05
C PRO A 341 -21.66 9.45 0.11
N GLU A 342 -22.32 9.39 -1.04
CA GLU A 342 -23.80 9.28 -1.18
C GLU A 342 -24.28 7.88 -0.75
N ASP A 343 -23.53 6.87 -1.14
CA ASP A 343 -23.97 5.46 -0.90
C ASP A 343 -23.34 4.78 0.30
N GLY A 344 -22.26 5.38 0.85
CA GLY A 344 -21.49 4.70 1.88
C GLY A 344 -20.33 3.82 1.42
N PHE A 345 -19.51 3.41 2.39
CA PHE A 345 -18.26 2.75 2.15
C PHE A 345 -18.24 1.41 2.87
N ILE A 346 -17.54 0.43 2.29
CA ILE A 346 -17.36 -0.91 2.92
C ILE A 346 -15.96 -1.43 2.75
N ALA A 347 -15.58 -2.35 3.65
CA ALA A 347 -14.30 -2.99 3.55
C ALA A 347 -14.41 -4.18 2.60
N ARG A 348 -13.58 -4.16 1.57
CA ARG A 348 -13.46 -5.31 0.67
C ARG A 348 -12.50 -6.37 1.30
N PRO A 349 -12.40 -7.57 0.65
CA PRO A 349 -11.59 -8.59 1.25
C PRO A 349 -10.10 -8.20 1.51
N GLU A 350 -9.45 -7.54 0.55
CA GLU A 350 -8.08 -7.11 0.76
C GLU A 350 -7.87 -6.29 2.07
N TYR A 351 -8.82 -5.43 2.44
CA TYR A 351 -8.72 -4.63 3.66
C TYR A 351 -8.39 -5.48 4.91
N TYR A 352 -8.99 -6.67 4.98
CA TYR A 352 -8.77 -7.54 6.15
C TYR A 352 -7.32 -7.99 6.34
N GLY A 353 -6.54 -8.16 5.26
CA GLY A 353 -5.11 -8.40 5.38
C GLY A 353 -4.30 -7.25 5.98
N MET A 354 -4.67 -6.05 5.61
CA MET A 354 -4.05 -4.81 6.13
C MET A 354 -4.48 -4.57 7.59
N LEU A 355 -5.68 -5.00 7.92
CA LEU A 355 -6.22 -4.94 9.30
C LEU A 355 -5.45 -5.81 10.26
N LEU A 356 -5.01 -7.00 9.79
CA LEU A 356 -4.21 -7.88 10.55
C LEU A 356 -2.84 -7.21 10.86
N PHE A 357 -2.25 -6.57 9.88
CA PHE A 357 -1.03 -5.83 10.11
C PHE A 357 -1.33 -4.68 11.07
N ALA A 358 -2.45 -4.00 10.92
CA ALA A 358 -2.80 -2.86 11.81
C ALA A 358 -2.85 -3.31 13.30
N GLN A 359 -3.48 -4.44 13.54
CA GLN A 359 -3.57 -4.97 14.91
C GLN A 359 -2.30 -5.49 15.50
N ALA A 360 -1.42 -5.99 14.68
CA ALA A 360 -0.16 -6.42 15.13
C ALA A 360 0.64 -5.23 15.65
N GLY A 361 0.63 -4.13 14.91
CA GLY A 361 1.25 -2.90 15.38
C GLY A 361 2.66 -2.81 14.91
N ALA A 362 3.31 -1.71 15.26
CA ALA A 362 4.72 -1.57 14.91
C ALA A 362 5.67 -2.27 15.95
N GLY A 363 6.95 -2.25 15.63
CA GLY A 363 7.99 -2.88 16.42
C GLY A 363 9.15 -3.35 15.57
N GLN A 364 9.96 -4.25 16.12
CA GLN A 364 11.14 -4.78 15.45
C GLN A 364 11.04 -6.27 15.09
N LEU A 365 11.27 -6.58 13.80
CA LEU A 365 11.18 -7.94 13.29
C LEU A 365 12.30 -8.79 13.80
N LEU A 366 11.96 -10.07 14.04
CA LEU A 366 12.85 -11.06 14.65
C LEU A 366 12.98 -12.29 13.75
N GLY A 367 13.97 -13.11 13.98
CA GLY A 367 14.17 -14.35 13.17
C GLY A 367 13.02 -15.31 13.44
N ALA A 368 12.55 -15.99 12.41
CA ALA A 368 11.46 -16.94 12.55
C ALA A 368 11.63 -17.96 11.44
N LYS A 369 12.30 -19.06 11.71
CA LYS A 369 12.73 -20.00 10.65
C LYS A 369 11.78 -21.15 10.63
N LEU A 370 11.23 -21.43 9.46
CA LEU A 370 10.29 -22.56 9.29
C LEU A 370 11.07 -23.79 8.85
N THR A 371 10.79 -24.94 9.47
CA THR A 371 11.39 -26.22 9.07
C THR A 371 10.25 -27.22 8.85
N ASP A 372 10.61 -28.35 8.25
CA ASP A 372 9.69 -29.52 8.02
C ASP A 372 8.52 -29.14 7.13
N ASN A 373 8.72 -28.20 6.21
CA ASN A 373 7.65 -27.47 5.59
C ASN A 373 7.67 -27.62 4.06
N SER A 374 8.39 -28.60 3.51
CA SER A 374 8.43 -28.72 2.05
C SER A 374 7.05 -29.13 1.48
N ALA A 375 6.25 -29.83 2.27
CA ALA A 375 4.86 -30.18 1.93
C ALA A 375 3.81 -29.02 2.10
N ALA A 376 4.24 -27.90 2.68
CA ALA A 376 3.38 -26.74 2.90
C ALA A 376 4.25 -25.52 2.61
N PRO A 377 4.76 -25.42 1.38
CA PRO A 377 5.79 -24.41 1.12
C PRO A 377 5.31 -22.95 1.02
N LEU A 378 4.01 -22.70 0.85
CA LEU A 378 3.51 -21.32 0.81
C LEU A 378 3.10 -20.80 2.17
N LEU A 379 3.35 -21.53 3.26
CA LEU A 379 3.15 -20.93 4.60
C LEU A 379 4.30 -19.92 4.87
N THR A 380 3.96 -18.71 5.27
CA THR A 380 4.95 -17.72 5.70
C THR A 380 4.69 -17.29 7.14
N ALA A 381 5.73 -16.76 7.79
CA ALA A 381 5.65 -16.38 9.19
C ALA A 381 6.64 -15.26 9.51
N TYR A 382 6.19 -14.33 10.34
CA TYR A 382 6.99 -13.17 10.71
C TYR A 382 6.80 -12.98 12.18
N ALA A 383 7.91 -12.77 12.89
CA ALA A 383 7.87 -12.52 14.32
C ALA A 383 8.32 -11.13 14.59
N LEU A 384 7.70 -10.51 15.56
CA LEU A 384 7.87 -9.09 15.85
C LEU A 384 7.93 -8.84 17.37
N ARG A 385 8.91 -8.06 17.83
CA ARG A 385 8.86 -7.50 19.18
C ARG A 385 8.12 -6.14 19.12
N GLY A 386 6.89 -6.13 19.62
CA GLY A 386 6.09 -4.93 19.66
C GLY A 386 6.70 -3.79 20.44
N THR A 387 6.33 -2.58 20.07
CA THR A 387 6.79 -1.39 20.78
C THR A 387 6.30 -1.41 22.22
N ASP A 388 5.17 -2.08 22.50
CA ASP A 388 4.69 -2.31 23.85
C ASP A 388 5.41 -3.44 24.60
N GLY A 389 6.40 -4.07 23.98
CA GLY A 389 7.24 -5.12 24.59
C GLY A 389 6.77 -6.54 24.37
N ARG A 390 5.56 -6.75 23.85
CA ARG A 390 5.08 -8.11 23.63
C ARG A 390 5.46 -8.71 22.28
N THR A 391 5.69 -10.01 22.29
CA THR A 391 5.99 -10.74 21.06
C THR A 391 4.68 -11.04 20.28
N ARG A 392 4.70 -10.83 18.96
CA ARG A 392 3.61 -11.19 18.06
C ARG A 392 4.17 -12.01 16.93
N ILE A 393 3.33 -12.87 16.38
CA ILE A 393 3.65 -13.64 15.20
C ILE A 393 2.50 -13.52 14.22
N ALA A 394 2.84 -13.13 13.00
CA ALA A 394 1.90 -13.05 11.90
C ALA A 394 2.13 -14.22 10.97
N LEU A 395 1.12 -15.06 10.76
CA LEU A 395 1.28 -16.23 9.88
C LEU A 395 0.25 -16.21 8.78
N PHE A 396 0.73 -16.53 7.57
CA PHE A 396 -0.11 -16.66 6.42
C PHE A 396 -0.01 -18.05 5.78
N ASN A 397 -1.02 -18.89 5.98
CA ASN A 397 -1.03 -20.18 5.37
C ASN A 397 -1.65 -20.04 4.00
N LYS A 398 -0.82 -19.75 3.01
CA LYS A 398 -1.30 -19.49 1.65
C LYS A 398 -1.39 -20.78 0.84
N ASN A 399 -1.04 -21.93 1.45
CA ASN A 399 -1.25 -23.22 0.76
C ASN A 399 -2.74 -23.43 0.62
N LEU A 400 -3.21 -23.63 -0.63
CA LEU A 400 -4.64 -23.69 -0.92
C LEU A 400 -5.23 -25.07 -0.55
N ASP A 401 -4.41 -26.10 -0.49
CA ASP A 401 -4.91 -27.47 -0.23
C ASP A 401 -4.29 -28.15 0.98
N ALA A 402 -3.55 -27.43 1.85
CA ALA A 402 -2.90 -28.07 3.03
C ALA A 402 -3.11 -27.30 4.33
N ASP A 403 -3.77 -27.96 5.28
CA ASP A 403 -3.83 -27.51 6.68
C ASP A 403 -2.42 -27.64 7.28
N VAL A 404 -2.12 -26.86 8.30
CA VAL A 404 -0.84 -26.97 8.96
C VAL A 404 -0.96 -27.04 10.47
N GLU A 405 0.00 -27.71 11.08
CA GLU A 405 0.19 -27.70 12.54
C GLU A 405 1.59 -27.19 12.80
N VAL A 406 1.69 -26.05 13.49
CA VAL A 406 2.92 -25.30 13.66
C VAL A 406 3.38 -25.44 15.09
N ALA A 407 4.56 -26.08 15.27
CA ALA A 407 5.12 -26.24 16.62
C ALA A 407 6.08 -25.07 16.86
N ILE A 408 5.79 -24.26 17.86
CA ILE A 408 6.49 -22.98 17.99
C ILE A 408 7.41 -23.02 19.17
N SER A 409 8.71 -22.81 18.91
CA SER A 409 9.74 -22.72 19.94
C SER A 409 10.33 -21.33 19.95
N GLY A 410 10.98 -21.02 21.06
CA GLY A 410 11.80 -19.80 21.21
C GLY A 410 10.97 -18.60 21.67
N VAL A 411 9.77 -18.88 22.16
CA VAL A 411 8.92 -17.90 22.84
C VAL A 411 8.60 -18.49 24.23
N ALA A 412 8.95 -17.73 25.26
CA ALA A 412 8.54 -17.99 26.65
C ALA A 412 7.43 -17.03 27.08
N SER A 413 6.27 -17.56 27.42
CA SER A 413 5.22 -16.70 27.87
C SER A 413 4.16 -17.52 28.60
N PRO A 414 3.51 -16.94 29.60
CA PRO A 414 2.41 -17.67 30.27
C PRO A 414 1.12 -17.82 29.43
N SER A 415 0.95 -17.09 28.33
CA SER A 415 -0.32 -17.10 27.59
C SER A 415 -0.18 -16.52 26.16
N GLY A 416 -0.52 -17.30 25.16
CA GLY A 416 -0.73 -16.76 23.82
C GLY A 416 -2.20 -16.72 23.44
N THR A 417 -2.63 -15.66 22.73
CA THR A 417 -3.90 -15.68 22.02
C THR A 417 -3.78 -15.55 20.50
N VAL A 418 -4.75 -16.11 19.81
CA VAL A 418 -4.87 -16.07 18.34
C VAL A 418 -6.11 -15.30 17.83
N LEU A 419 -5.90 -14.41 16.86
CA LEU A 419 -6.98 -13.86 16.07
C LEU A 419 -6.82 -14.44 14.66
N ARG A 420 -7.89 -15.06 14.16
CA ARG A 420 -7.88 -15.70 12.83
C ARG A 420 -8.41 -14.82 11.67
N LEU A 421 -7.70 -14.88 10.53
CA LEU A 421 -8.13 -14.24 9.30
C LEU A 421 -8.73 -15.34 8.39
N GLU A 422 -10.06 -15.30 8.18
CA GLU A 422 -10.84 -16.42 7.61
C GLU A 422 -11.86 -16.03 6.54
N ALA A 423 -12.04 -16.94 5.59
CA ALA A 423 -13.18 -17.01 4.71
C ALA A 423 -13.41 -18.52 4.32
N PRO A 424 -14.63 -18.89 3.95
CA PRO A 424 -14.90 -20.31 3.69
C PRO A 424 -14.26 -20.87 2.43
N ARG A 425 -13.83 -20.01 1.51
CA ARG A 425 -13.11 -20.39 0.30
C ARG A 425 -12.20 -19.25 -0.13
N ALA A 426 -11.15 -19.61 -0.86
CA ALA A 426 -10.08 -18.67 -1.18
C ALA A 426 -10.59 -17.64 -2.19
N ASP A 427 -11.57 -18.02 -3.01
CA ASP A 427 -12.11 -17.15 -4.01
C ASP A 427 -13.39 -16.41 -3.58
N ASP A 428 -13.74 -16.39 -2.29
CA ASP A 428 -14.94 -15.77 -1.85
C ASP A 428 -14.76 -14.27 -1.97
N THR A 429 -15.80 -13.61 -2.42
CA THR A 429 -15.84 -12.16 -2.52
C THR A 429 -16.40 -11.44 -1.26
N THR A 430 -16.86 -12.24 -0.30
CA THR A 430 -17.44 -11.76 0.88
C THR A 430 -17.16 -12.84 1.94
N ASP A 431 -17.92 -12.84 3.04
CA ASP A 431 -17.76 -13.76 4.15
C ASP A 431 -16.38 -13.70 4.84
N VAL A 432 -15.71 -12.54 4.79
CA VAL A 432 -14.35 -12.45 5.31
C VAL A 432 -14.42 -11.92 6.74
N THR A 433 -13.75 -12.60 7.66
CA THR A 433 -13.70 -12.11 9.02
C THR A 433 -12.28 -12.06 9.58
N PHE A 434 -12.09 -11.21 10.58
CA PHE A 434 -10.86 -11.18 11.38
C PHE A 434 -11.19 -11.13 12.86
N GLY A 435 -10.62 -12.06 13.62
CA GLY A 435 -10.94 -12.10 15.06
C GLY A 435 -12.39 -12.48 15.26
N GLY A 436 -12.91 -13.27 14.33
CA GLY A 436 -14.33 -13.63 14.37
C GLY A 436 -15.40 -12.57 14.16
N ALA A 437 -15.06 -11.46 13.47
CA ALA A 437 -15.96 -10.34 13.22
C ALA A 437 -15.68 -9.70 11.84
N PRO A 438 -16.73 -9.31 11.10
CA PRO A 438 -16.55 -8.38 9.98
C PRO A 438 -16.26 -6.96 10.48
N VAL A 439 -15.72 -6.13 9.57
CA VAL A 439 -15.61 -4.70 9.79
C VAL A 439 -16.98 -4.14 9.48
N GLY A 440 -17.45 -3.23 10.28
CA GLY A 440 -18.71 -2.56 10.10
C GLY A 440 -18.68 -1.22 9.38
N ALA A 441 -19.67 -0.38 9.66
CA ALA A 441 -19.71 0.96 9.12
C ALA A 441 -18.55 1.85 9.64
N SER A 442 -18.02 2.69 8.77
CA SER A 442 -16.97 3.66 9.14
C SER A 442 -15.74 3.05 9.75
N GLY A 443 -15.36 1.85 9.30
CA GLY A 443 -14.20 1.13 9.77
C GLY A 443 -14.25 0.53 11.17
N SER A 444 -15.47 0.42 11.72
CA SER A 444 -15.66 -0.02 13.10
C SER A 444 -15.27 -1.52 13.16
N TRP A 445 -14.37 -1.87 14.06
CA TRP A 445 -13.97 -3.29 14.20
C TRP A 445 -13.58 -3.56 15.64
N SER A 446 -13.99 -4.72 16.19
CA SER A 446 -13.43 -5.27 17.47
C SER A 446 -13.43 -6.76 17.34
N PRO A 447 -12.51 -7.43 18.01
CA PRO A 447 -12.51 -8.92 17.98
C PRO A 447 -13.67 -9.54 18.78
N LEU A 448 -14.33 -10.58 18.25
CA LEU A 448 -15.41 -11.28 19.00
C LEU A 448 -15.11 -12.74 19.38
N VAL A 449 -14.08 -13.33 18.80
CA VAL A 449 -13.62 -14.68 19.10
C VAL A 449 -12.09 -14.57 19.24
N GLN A 450 -11.65 -14.85 20.43
CA GLN A 450 -10.25 -14.99 20.69
C GLN A 450 -10.15 -16.35 21.41
N GLU A 451 -8.99 -16.95 21.25
CA GLU A 451 -8.79 -18.34 21.35
C GLU A 451 -7.38 -18.39 21.93
N TYR A 452 -7.14 -19.26 22.90
CA TYR A 452 -5.80 -19.36 23.51
C TYR A 452 -5.05 -20.32 22.68
N VAL A 453 -3.75 -20.08 22.52
CA VAL A 453 -2.90 -21.00 21.78
C VAL A 453 -2.47 -22.08 22.77
N PRO A 454 -2.71 -23.37 22.44
CA PRO A 454 -2.28 -24.47 23.27
C PRO A 454 -0.77 -24.55 23.43
N GLY A 455 -0.33 -25.06 24.56
CA GLY A 455 1.07 -25.30 24.82
C GLY A 455 1.47 -24.43 25.98
N HIS A 456 2.76 -24.28 26.18
CA HIS A 456 3.31 -23.34 27.17
C HIS A 456 4.69 -22.86 26.72
N SER A 457 5.25 -21.97 27.52
CA SER A 457 6.58 -21.39 27.33
C SER A 457 7.56 -22.41 26.72
N GLY A 458 8.09 -22.05 25.55
CA GLY A 458 9.05 -22.85 24.85
C GLY A 458 8.46 -23.84 23.86
N GLN A 459 7.19 -24.21 24.03
CA GLN A 459 6.52 -25.08 23.03
C GLN A 459 5.01 -24.76 22.89
N PHE A 460 4.64 -24.04 21.83
CA PHE A 460 3.22 -23.71 21.57
C PHE A 460 2.83 -24.48 20.31
N VAL A 461 1.57 -24.85 20.18
CA VAL A 461 1.10 -25.58 18.97
C VAL A 461 -0.13 -24.95 18.36
N LEU A 462 0.01 -24.47 17.13
CA LEU A 462 -1.09 -23.78 16.40
C LEU A 462 -1.49 -24.50 15.15
N HIS A 463 -2.78 -24.88 15.07
N HIS A 463 -2.78 -24.86 15.07
CA HIS A 463 -3.41 -25.38 13.83
CA HIS A 463 -3.36 -25.36 13.85
C HIS A 463 -3.91 -24.18 13.02
C HIS A 463 -3.91 -24.18 13.03
N MET A 464 -3.83 -24.31 11.71
CA MET A 464 -4.40 -23.35 10.72
C MET A 464 -4.94 -24.15 9.53
N ARG A 465 -6.15 -23.83 9.11
CA ARG A 465 -6.73 -24.39 7.90
C ARG A 465 -5.95 -23.93 6.70
N LYS A 466 -6.10 -24.66 5.60
CA LYS A 466 -5.68 -24.21 4.31
C LYS A 466 -6.26 -22.82 4.05
N ALA A 467 -5.47 -21.97 3.40
CA ALA A 467 -5.97 -20.63 2.94
C ALA A 467 -6.61 -19.86 4.09
N SER A 468 -5.76 -19.61 5.10
CA SER A 468 -6.09 -18.81 6.26
C SER A 468 -4.88 -18.06 6.79
N GLY A 469 -5.16 -17.17 7.72
CA GLY A 469 -4.16 -16.39 8.36
C GLY A 469 -4.42 -16.27 9.86
N ALA A 470 -3.40 -15.81 10.54
CA ALA A 470 -3.42 -15.73 12.00
C ALA A 470 -2.46 -14.75 12.59
N LEU A 471 -2.91 -14.12 13.66
CA LEU A 471 -2.07 -13.26 14.46
C LEU A 471 -2.05 -13.72 15.94
N LEU A 472 -0.85 -14.00 16.43
CA LEU A 472 -0.57 -14.54 17.77
C LEU A 472 0.06 -13.44 18.57
N GLU A 473 -0.44 -13.22 19.78
CA GLU A 473 0.03 -12.21 20.66
C GLU A 473 0.32 -12.90 22.03
N PHE A 474 1.55 -12.76 22.49
CA PHE A 474 2.01 -13.44 23.71
C PHE A 474 2.09 -12.48 24.85
N ALA A 475 1.65 -12.91 26.01
CA ALA A 475 1.74 -12.07 27.18
C ALA A 475 3.17 -11.92 27.61
#